data_3L8D
#
_entry.id   3L8D
#
_cell.length_a   46.079
_cell.length_b   99.281
_cell.length_c   121.738
_cell.angle_alpha   90.00
_cell.angle_beta   90.00
_cell.angle_gamma   90.00
#
_symmetry.space_group_name_H-M   'C 2 2 21'
#
loop_
_entity.id
_entity.type
_entity.pdbx_description
1 polymer Methyltransferase
2 non-polymer 'POTASSIUM ION'
3 water water
#
_entity_poly.entity_id   1
_entity_poly.type   'polypeptide(L)'
_entity_poly.pdbx_seq_one_letter_code
;VKVGEC(MSE)TKFNWHESAEKKWDSSAEFWNQNSQE(MSE)WDSGSRSTIIPFFEQYVKKEAEVLDVGCGDGYGTYKLS
RTGYKAVGVDISEV(MSE)IQKGKERGEGPDLSFIKGDLSSLPFENEQFEAI(MSE)AINSLEWTEEPLRALNEIKRVLK
SDGYACIAILGPTAKPRENSYPRLYGKDVVCNT(MSE)(MSE)PWEFEQLVKEQGFKVVDGIGVYKRGVNEK(MSE)LGQ
LSTDLQQSLTFLWVF(MSE)LKRHKE(MSE)KEFLGGK
;
_entity_poly.pdbx_strand_id   A
#
# COMPACT_ATOMS: atom_id res chain seq x y z
N GLN A 32 12.90 -1.83 -7.88
CA GLN A 32 13.35 -2.66 -9.03
C GLN A 32 13.33 -4.15 -8.67
N GLU A 33 14.27 -4.56 -7.83
CA GLU A 33 14.36 -5.95 -7.40
C GLU A 33 13.12 -6.32 -6.58
N TRP A 35 10.04 -5.20 -6.76
CA TRP A 35 8.88 -5.41 -7.61
C TRP A 35 8.96 -6.52 -8.64
N ASP A 36 10.15 -6.82 -9.14
CA ASP A 36 10.29 -7.86 -10.14
C ASP A 36 10.38 -9.27 -9.54
N SER A 37 11.10 -9.41 -8.44
CA SER A 37 11.25 -10.70 -7.79
C SER A 37 11.37 -10.59 -6.27
N GLY A 38 11.24 -9.38 -5.76
CA GLY A 38 11.35 -9.15 -4.33
C GLY A 38 10.07 -9.28 -3.53
N SER A 39 10.04 -8.62 -2.38
CA SER A 39 8.90 -8.65 -1.48
C SER A 39 7.61 -8.06 -2.05
N ARG A 40 7.71 -7.38 -3.18
CA ARG A 40 6.54 -6.76 -3.79
C ARG A 40 6.16 -7.39 -5.13
N SER A 41 6.82 -8.49 -5.48
CA SER A 41 6.58 -9.16 -6.77
C SER A 41 5.25 -9.87 -6.93
N THR A 42 4.52 -10.12 -5.84
CA THR A 42 3.24 -10.80 -5.94
C THR A 42 2.07 -9.83 -5.74
N ILE A 43 2.38 -8.56 -5.54
CA ILE A 43 1.34 -7.55 -5.31
C ILE A 43 0.46 -7.24 -6.52
N ILE A 44 1.07 -6.96 -7.66
CA ILE A 44 0.25 -6.63 -8.83
C ILE A 44 -0.62 -7.80 -9.29
N PRO A 45 -0.09 -9.03 -9.26
CA PRO A 45 -0.93 -10.17 -9.68
C PRO A 45 -2.16 -10.29 -8.78
N PHE A 46 -1.96 -10.00 -7.50
CA PHE A 46 -3.04 -10.05 -6.52
C PHE A 46 -4.04 -8.94 -6.86
N PHE A 47 -3.50 -7.76 -7.17
CA PHE A 47 -4.31 -6.59 -7.54
C PHE A 47 -5.18 -6.95 -8.75
N GLU A 48 -4.57 -7.60 -9.73
CA GLU A 48 -5.25 -8.00 -10.96
C GLU A 48 -6.40 -8.99 -10.74
N GLN A 49 -6.38 -9.70 -9.61
CA GLN A 49 -7.45 -10.64 -9.31
C GLN A 49 -8.75 -9.92 -9.01
N TYR A 50 -8.65 -8.67 -8.57
CA TYR A 50 -9.83 -7.89 -8.21
C TYR A 50 -10.16 -6.65 -9.01
N VAL A 51 -9.13 -5.93 -9.46
CA VAL A 51 -9.33 -4.70 -10.20
C VAL A 51 -9.29 -4.88 -11.71
N LYS A 52 -10.39 -4.54 -12.37
CA LYS A 52 -10.49 -4.70 -13.81
C LYS A 52 -9.56 -3.71 -14.52
N LYS A 53 -8.97 -4.16 -15.62
CA LYS A 53 -8.04 -3.34 -16.39
C LYS A 53 -8.69 -2.04 -16.84
N GLU A 54 -7.86 -1.05 -17.13
CA GLU A 54 -8.31 0.27 -17.58
C GLU A 54 -8.85 1.11 -16.44
N ALA A 55 -9.14 0.48 -15.31
CA ALA A 55 -9.63 1.23 -14.15
C ALA A 55 -8.50 2.16 -13.76
N GLU A 56 -8.82 3.35 -13.28
CA GLU A 56 -7.76 4.28 -12.89
C GLU A 56 -7.29 3.92 -11.49
N VAL A 57 -5.98 3.96 -11.29
CA VAL A 57 -5.42 3.61 -9.99
C VAL A 57 -4.47 4.68 -9.48
N LEU A 58 -4.55 4.97 -8.18
CA LEU A 58 -3.65 5.93 -7.55
C LEU A 58 -2.69 5.14 -6.67
N ASP A 59 -1.40 5.34 -6.89
CA ASP A 59 -0.35 4.67 -6.12
C ASP A 59 0.06 5.67 -5.04
N VAL A 60 -0.45 5.46 -3.83
CA VAL A 60 -0.19 6.33 -2.68
C VAL A 60 1.18 6.08 -2.04
N GLY A 61 2.08 7.06 -2.16
CA GLY A 61 3.41 6.90 -1.62
C GLY A 61 4.18 6.04 -2.60
N CYS A 62 4.16 6.47 -3.86
CA CYS A 62 4.79 5.73 -4.95
C CYS A 62 6.31 5.66 -4.95
N GLY A 63 6.97 6.49 -4.15
CA GLY A 63 8.42 6.48 -4.12
C GLY A 63 8.97 6.79 -5.50
N ASP A 64 9.96 6.01 -5.94
CA ASP A 64 10.59 6.20 -7.24
C ASP A 64 9.65 5.90 -8.41
N GLY A 65 8.45 5.40 -8.08
CA GLY A 65 7.46 5.11 -9.10
C GLY A 65 7.60 3.87 -9.97
N TYR A 66 8.40 2.90 -9.54
CA TYR A 66 8.53 1.69 -10.34
C TYR A 66 7.26 0.86 -10.25
N GLY A 67 6.66 0.85 -9.06
CA GLY A 67 5.41 0.11 -8.89
C GLY A 67 4.33 0.74 -9.74
N THR A 68 4.33 2.07 -9.81
CA THR A 68 3.36 2.81 -10.60
C THR A 68 3.54 2.41 -12.07
N TYR A 69 4.80 2.34 -12.47
CA TYR A 69 5.16 1.96 -13.83
C TYR A 69 4.63 0.55 -14.13
N LYS A 70 4.87 -0.37 -13.20
CA LYS A 70 4.42 -1.76 -13.35
C LYS A 70 2.90 -1.81 -13.54
N LEU A 71 2.18 -0.96 -12.83
CA LEU A 71 0.73 -0.92 -12.95
C LEU A 71 0.32 -0.49 -14.36
N SER A 72 1.03 0.49 -14.92
CA SER A 72 0.71 0.95 -16.26
C SER A 72 1.01 -0.16 -17.26
N ARG A 73 2.12 -0.87 -17.04
CA ARG A 73 2.52 -1.97 -17.91
C ARG A 73 1.49 -3.10 -17.89
N THR A 74 0.81 -3.25 -16.76
CA THR A 74 -0.21 -4.30 -16.63
C THR A 74 -1.52 -3.92 -17.31
N GLY A 75 -1.67 -2.66 -17.69
CA GLY A 75 -2.89 -2.23 -18.36
C GLY A 75 -3.76 -1.21 -17.65
N TYR A 76 -3.29 -0.67 -16.53
CA TYR A 76 -4.08 0.33 -15.81
C TYR A 76 -3.61 1.75 -16.11
N LYS A 77 -4.49 2.72 -15.89
CA LYS A 77 -4.11 4.12 -16.08
C LYS A 77 -3.67 4.46 -14.66
N ALA A 78 -2.37 4.58 -14.45
CA ALA A 78 -1.85 4.85 -13.11
C ALA A 78 -1.31 6.24 -12.84
N VAL A 79 -1.54 6.69 -11.61
CA VAL A 79 -1.07 7.98 -11.13
C VAL A 79 -0.31 7.68 -9.84
N GLY A 80 0.89 8.26 -9.71
CA GLY A 80 1.67 8.04 -8.50
C GLY A 80 1.81 9.32 -7.72
N VAL A 81 1.59 9.25 -6.41
CA VAL A 81 1.73 10.43 -5.56
C VAL A 81 2.73 10.17 -4.44
N ASP A 82 3.57 11.16 -4.16
CA ASP A 82 4.59 11.04 -3.13
C ASP A 82 4.98 12.45 -2.68
N ILE A 83 5.41 12.57 -1.42
CA ILE A 83 5.78 13.87 -0.89
C ILE A 83 7.16 14.34 -1.37
N SER A 84 8.02 13.38 -1.71
CA SER A 84 9.37 13.69 -2.16
C SER A 84 9.47 14.16 -3.61
N GLU A 85 9.87 15.42 -3.79
CA GLU A 85 10.03 15.99 -5.12
C GLU A 85 11.06 15.19 -5.90
N VAL A 86 12.10 14.73 -5.21
CA VAL A 86 13.16 13.95 -5.85
C VAL A 86 12.58 12.64 -6.39
N ILE A 88 9.46 11.97 -7.14
CA ILE A 88 8.53 12.25 -8.21
C ILE A 88 9.25 12.47 -9.54
N GLN A 89 10.33 13.25 -9.51
CA GLN A 89 11.10 13.50 -10.72
C GLN A 89 11.68 12.18 -11.21
N LYS A 90 12.05 11.33 -10.27
CA LYS A 90 12.62 10.02 -10.56
C LYS A 90 11.61 9.18 -11.35
N GLY A 91 10.34 9.26 -10.95
CA GLY A 91 9.31 8.50 -11.63
C GLY A 91 8.95 9.04 -13.00
N LYS A 92 8.93 10.36 -13.13
CA LYS A 92 8.61 11.00 -14.40
C LYS A 92 9.64 10.65 -15.46
N GLU A 93 10.84 10.25 -15.01
CA GLU A 93 11.91 9.87 -15.91
C GLU A 93 11.60 8.54 -16.60
N ARG A 94 10.65 7.81 -16.03
CA ARG A 94 10.26 6.51 -16.56
C ARG A 94 9.41 6.68 -17.81
N GLY A 95 8.99 7.92 -18.07
CA GLY A 95 8.18 8.20 -19.24
C GLY A 95 6.69 8.30 -18.95
N GLU A 96 6.21 9.53 -18.80
CA GLU A 96 4.80 9.76 -18.54
C GLU A 96 3.98 9.67 -19.82
N GLY A 97 2.78 9.11 -19.69
CA GLY A 97 1.91 8.97 -20.84
C GLY A 97 0.45 9.02 -20.41
N PRO A 98 -0.49 8.70 -21.30
CA PRO A 98 -1.91 8.73 -20.95
C PRO A 98 -2.27 7.70 -19.88
N ASP A 99 -1.33 6.81 -19.58
CA ASP A 99 -1.55 5.78 -18.59
C ASP A 99 -0.55 5.81 -17.43
N LEU A 100 0.28 6.83 -17.38
CA LEU A 100 1.27 6.95 -16.32
C LEU A 100 1.64 8.40 -16.03
N SER A 101 1.35 8.86 -14.82
CA SER A 101 1.67 10.23 -14.43
C SER A 101 2.04 10.28 -12.96
N PHE A 102 2.79 11.30 -12.57
CA PHE A 102 3.21 11.46 -11.17
C PHE A 102 2.90 12.86 -10.65
N ILE A 103 2.48 12.92 -9.39
CA ILE A 103 2.15 14.18 -8.74
C ILE A 103 2.75 14.24 -7.34
N LYS A 104 3.35 15.39 -7.01
CA LYS A 104 3.92 15.55 -5.68
C LYS A 104 2.77 15.92 -4.74
N GLY A 105 2.72 15.27 -3.58
CA GLY A 105 1.66 15.57 -2.65
C GLY A 105 1.82 14.99 -1.26
N ASP A 106 1.07 15.57 -0.32
CA ASP A 106 1.07 15.16 1.07
C ASP A 106 0.08 14.00 1.20
N LEU A 107 0.54 12.87 1.72
CA LEU A 107 -0.33 11.70 1.87
C LEU A 107 -1.49 11.93 2.85
N SER A 108 -1.37 12.94 3.70
CA SER A 108 -2.42 13.26 4.66
C SER A 108 -3.28 14.41 4.15
N SER A 109 -3.05 14.79 2.90
CA SER A 109 -3.79 15.87 2.27
C SER A 109 -3.63 15.70 0.75
N LEU A 110 -4.15 14.59 0.24
CA LEU A 110 -4.06 14.26 -1.18
C LEU A 110 -4.69 15.31 -2.10
N PRO A 111 -3.93 15.75 -3.12
CA PRO A 111 -4.38 16.75 -4.08
C PRO A 111 -5.34 16.19 -5.14
N PHE A 112 -6.33 15.44 -4.70
CA PHE A 112 -7.31 14.85 -5.60
C PHE A 112 -8.72 15.07 -5.08
N GLU A 113 -9.70 14.97 -5.98
CA GLU A 113 -11.11 15.15 -5.62
C GLU A 113 -11.67 13.91 -4.96
N ASN A 114 -12.80 14.06 -4.28
CA ASN A 114 -13.42 12.91 -3.62
C ASN A 114 -13.79 11.88 -4.69
N GLU A 115 -13.51 10.62 -4.42
CA GLU A 115 -13.82 9.53 -5.32
C GLU A 115 -13.24 9.69 -6.72
N GLN A 116 -12.07 10.33 -6.82
CA GLN A 116 -11.46 10.53 -8.13
C GLN A 116 -10.94 9.21 -8.74
N PHE A 117 -10.48 8.30 -7.89
CA PHE A 117 -9.93 7.04 -8.35
C PHE A 117 -10.79 5.81 -8.14
N GLU A 118 -10.85 4.96 -9.16
CA GLU A 118 -11.64 3.74 -9.09
C GLU A 118 -10.95 2.70 -8.20
N ALA A 119 -9.64 2.82 -8.07
CA ALA A 119 -8.86 1.90 -7.25
C ALA A 119 -7.63 2.60 -6.70
N ILE A 120 -7.09 2.07 -5.60
CA ILE A 120 -5.93 2.64 -4.96
C ILE A 120 -4.98 1.53 -4.52
N ALA A 122 -1.52 1.20 -1.89
CA ALA A 122 -0.68 1.87 -0.92
C ALA A 122 0.23 0.83 -0.30
N ILE A 123 1.43 0.70 -0.86
CA ILE A 123 2.37 -0.31 -0.39
C ILE A 123 3.34 0.27 0.64
N ASN A 124 3.16 -0.15 1.89
CA ASN A 124 3.99 0.30 2.99
C ASN A 124 4.18 1.81 3.04
N SER A 125 3.07 2.55 2.99
CA SER A 125 3.13 3.99 3.07
C SER A 125 2.54 4.42 4.41
N LEU A 126 1.61 3.63 4.92
CA LEU A 126 0.94 3.93 6.18
C LEU A 126 1.80 3.73 7.43
N GLU A 127 2.88 2.98 7.31
CA GLU A 127 3.75 2.76 8.47
C GLU A 127 4.69 3.93 8.71
N TRP A 128 4.91 4.72 7.66
CA TRP A 128 5.84 5.84 7.75
C TRP A 128 5.22 7.21 7.99
N THR A 129 4.29 7.26 8.94
CA THR A 129 3.64 8.50 9.32
C THR A 129 3.29 8.43 10.79
N GLU A 130 3.19 9.58 11.45
CA GLU A 130 2.85 9.59 12.85
C GLU A 130 1.33 9.58 13.00
N GLU A 131 0.62 9.78 11.88
CA GLU A 131 -0.84 9.81 11.87
C GLU A 131 -1.45 8.86 10.83
N PRO A 132 -1.34 7.55 11.03
CA PRO A 132 -1.89 6.58 10.09
C PRO A 132 -3.39 6.69 9.83
N LEU A 133 -4.16 7.03 10.86
CA LEU A 133 -5.60 7.17 10.68
C LEU A 133 -5.92 8.33 9.74
N ARG A 134 -5.21 9.44 9.89
CA ARG A 134 -5.43 10.59 9.02
C ARG A 134 -5.17 10.21 7.57
N ALA A 135 -4.07 9.50 7.34
CA ALA A 135 -3.70 9.07 5.98
C ALA A 135 -4.73 8.07 5.43
N LEU A 136 -5.21 7.18 6.29
CA LEU A 136 -6.20 6.20 5.86
C LEU A 136 -7.48 6.90 5.43
N ASN A 137 -7.88 7.93 6.16
CA ASN A 137 -9.10 8.65 5.81
C ASN A 137 -8.99 9.37 4.47
N GLU A 138 -7.78 9.78 4.11
CA GLU A 138 -7.57 10.46 2.83
C GLU A 138 -7.68 9.42 1.71
N ILE A 139 -7.13 8.22 1.95
CA ILE A 139 -7.21 7.13 0.97
C ILE A 139 -8.69 6.84 0.72
N LYS A 140 -9.46 6.76 1.80
CA LYS A 140 -10.88 6.51 1.70
C LYS A 140 -11.56 7.59 0.86
N ARG A 141 -11.27 8.85 1.17
CA ARG A 141 -11.89 9.97 0.46
C ARG A 141 -11.70 9.97 -1.05
N VAL A 142 -10.48 9.75 -1.52
CA VAL A 142 -10.21 9.78 -2.95
C VAL A 142 -10.60 8.52 -3.71
N LEU A 143 -10.99 7.49 -2.97
CA LEU A 143 -11.39 6.21 -3.58
C LEU A 143 -12.89 6.16 -3.83
N LYS A 144 -13.28 5.74 -5.02
CA LYS A 144 -14.69 5.66 -5.37
C LYS A 144 -15.39 4.63 -4.47
N SER A 145 -16.62 4.93 -4.09
CA SER A 145 -17.36 4.00 -3.24
C SER A 145 -17.46 2.67 -3.99
N ASP A 146 -17.23 1.59 -3.26
CA ASP A 146 -17.25 0.22 -3.80
C ASP A 146 -15.97 -0.11 -4.55
N GLY A 147 -15.04 0.84 -4.58
CA GLY A 147 -13.77 0.63 -5.25
C GLY A 147 -12.80 -0.13 -4.36
N TYR A 148 -11.80 -0.74 -4.96
CA TYR A 148 -10.80 -1.52 -4.22
C TYR A 148 -9.56 -0.73 -3.80
N ALA A 149 -9.03 -1.08 -2.64
CA ALA A 149 -7.82 -0.47 -2.13
C ALA A 149 -6.90 -1.62 -1.74
N CYS A 150 -5.73 -1.68 -2.37
CA CYS A 150 -4.76 -2.73 -2.07
C CYS A 150 -3.71 -2.08 -1.17
N ILE A 151 -3.72 -2.46 0.10
CA ILE A 151 -2.79 -1.88 1.06
C ILE A 151 -1.92 -2.90 1.78
N ALA A 152 -0.62 -2.69 1.75
CA ALA A 152 0.33 -3.59 2.42
C ALA A 152 0.87 -2.99 3.70
N ILE A 153 0.97 -3.81 4.74
CA ILE A 153 1.48 -3.39 6.04
C ILE A 153 2.60 -4.35 6.44
N LEU A 154 3.72 -3.80 6.91
CA LEU A 154 4.85 -4.64 7.31
C LEU A 154 4.50 -5.59 8.45
N GLY A 155 5.05 -6.80 8.40
CA GLY A 155 4.82 -7.78 9.45
C GLY A 155 5.55 -7.31 10.71
N PRO A 156 5.25 -7.91 11.87
CA PRO A 156 5.90 -7.50 13.12
C PRO A 156 7.42 -7.57 13.18
N THR A 157 8.03 -8.54 12.50
CA THR A 157 9.48 -8.66 12.53
C THR A 157 10.22 -8.14 11.30
N ALA A 158 9.49 -7.47 10.40
CA ALA A 158 10.11 -6.92 9.20
C ALA A 158 11.24 -5.99 9.61
N LYS A 159 12.40 -6.13 8.97
CA LYS A 159 13.56 -5.32 9.31
C LYS A 159 13.34 -3.80 9.38
N PRO A 160 12.57 -3.23 8.45
CA PRO A 160 12.35 -1.78 8.50
C PRO A 160 11.82 -1.27 9.84
N ARG A 161 11.11 -2.12 10.56
CA ARG A 161 10.55 -1.74 11.86
C ARG A 161 11.61 -1.46 12.91
N GLU A 162 12.87 -1.76 12.61
CA GLU A 162 13.93 -1.48 13.56
C GLU A 162 13.98 0.04 13.76
N ASN A 163 13.41 0.77 12.82
CA ASN A 163 13.37 2.23 12.89
C ASN A 163 12.54 2.69 14.10
N SER A 164 11.62 1.84 14.55
CA SER A 164 10.76 2.16 15.68
C SER A 164 11.43 1.93 17.04
N TYR A 165 12.49 1.14 17.04
CA TYR A 165 13.19 0.79 18.28
C TYR A 165 13.63 1.93 19.22
N PRO A 166 14.22 3.00 18.67
CA PRO A 166 14.67 4.12 19.52
C PRO A 166 13.61 4.78 20.40
N ARG A 167 12.35 4.50 20.12
CA ARG A 167 11.27 5.06 20.92
C ARG A 167 11.39 4.58 22.37
N LEU A 168 12.04 3.44 22.58
CA LEU A 168 12.20 2.88 23.91
C LEU A 168 13.17 3.72 24.74
N TYR A 169 13.95 4.56 24.05
CA TYR A 169 14.89 5.46 24.71
C TYR A 169 14.33 6.88 24.70
N GLY A 170 13.07 7.01 24.31
CA GLY A 170 12.42 8.31 24.28
C GLY A 170 12.71 9.14 23.05
N LYS A 171 13.22 8.52 22.00
CA LYS A 171 13.54 9.24 20.78
C LYS A 171 12.36 9.24 19.81
N ASP A 172 12.31 10.22 18.92
CA ASP A 172 11.24 10.28 17.93
C ASP A 172 11.60 9.27 16.85
N VAL A 173 10.59 8.63 16.27
CA VAL A 173 10.80 7.64 15.22
C VAL A 173 9.83 7.89 14.07
N VAL A 174 10.22 7.46 12.86
CA VAL A 174 9.38 7.66 11.69
C VAL A 174 8.38 6.51 11.48
N CYS A 175 8.85 5.28 11.64
CA CYS A 175 7.99 4.12 11.45
C CYS A 175 7.11 3.93 12.68
N ASN A 176 5.80 3.95 12.48
CA ASN A 176 4.88 3.75 13.61
C ASN A 176 4.76 2.25 13.86
N THR A 177 4.15 1.89 14.98
CA THR A 177 4.03 0.49 15.37
C THR A 177 2.70 -0.18 15.03
N PRO A 180 -0.30 -5.32 11.26
CA PRO A 180 -1.28 -5.69 10.24
C PRO A 180 -2.70 -5.88 10.79
N TRP A 181 -2.83 -6.64 11.88
CA TRP A 181 -4.13 -6.89 12.47
C TRP A 181 -4.76 -5.64 13.09
N GLU A 182 -3.94 -4.69 13.51
CA GLU A 182 -4.46 -3.45 14.08
C GLU A 182 -5.00 -2.60 12.92
N PHE A 183 -4.25 -2.56 11.82
CA PHE A 183 -4.70 -1.81 10.66
C PHE A 183 -6.00 -2.42 10.14
N GLU A 184 -6.07 -3.74 10.12
CA GLU A 184 -7.25 -4.45 9.64
C GLU A 184 -8.49 -3.97 10.38
N GLN A 185 -8.40 -3.90 11.70
CA GLN A 185 -9.52 -3.44 12.52
C GLN A 185 -9.79 -1.96 12.25
N LEU A 186 -8.73 -1.17 12.12
CA LEU A 186 -8.87 0.27 11.89
C LEU A 186 -9.60 0.53 10.57
N VAL A 187 -9.25 -0.22 9.53
CA VAL A 187 -9.91 -0.03 8.24
C VAL A 187 -11.39 -0.38 8.32
N LYS A 188 -11.70 -1.44 9.05
CA LYS A 188 -13.10 -1.83 9.17
C LYS A 188 -13.90 -0.80 9.94
N GLU A 189 -13.29 -0.18 10.93
CA GLU A 189 -13.98 0.84 11.72
C GLU A 189 -14.10 2.15 10.95
N GLN A 190 -13.36 2.25 9.85
CA GLN A 190 -13.38 3.45 9.02
C GLN A 190 -14.13 3.30 7.71
N GLY A 191 -14.98 2.28 7.62
CA GLY A 191 -15.78 2.10 6.42
C GLY A 191 -15.23 1.26 5.29
N PHE A 192 -14.28 0.38 5.58
CA PHE A 192 -13.70 -0.50 4.58
C PHE A 192 -14.09 -1.95 4.89
N LYS A 193 -14.27 -2.73 3.84
CA LYS A 193 -14.59 -4.14 3.99
C LYS A 193 -13.31 -4.84 3.56
N VAL A 194 -12.83 -5.78 4.36
CA VAL A 194 -11.62 -6.52 4.00
C VAL A 194 -12.12 -7.77 3.28
N VAL A 195 -11.78 -7.91 2.01
CA VAL A 195 -12.27 -9.07 1.26
C VAL A 195 -11.27 -10.17 0.97
N ASP A 196 -9.98 -9.88 1.12
CA ASP A 196 -8.93 -10.87 0.87
C ASP A 196 -7.61 -10.35 1.43
N GLY A 197 -6.59 -11.19 1.37
CA GLY A 197 -5.28 -10.79 1.85
C GLY A 197 -4.28 -11.90 1.61
N ILE A 198 -3.04 -11.54 1.34
CA ILE A 198 -2.00 -12.54 1.13
C ILE A 198 -0.74 -12.12 1.85
N GLY A 199 0.04 -13.10 2.29
CA GLY A 199 1.28 -12.78 2.97
C GLY A 199 2.49 -12.93 2.07
N VAL A 200 3.55 -12.22 2.45
CA VAL A 200 4.83 -12.29 1.77
C VAL A 200 5.69 -12.74 2.95
N TYR A 201 6.02 -14.03 2.96
CA TYR A 201 6.75 -14.62 4.08
C TYR A 201 8.26 -14.55 4.08
N LYS A 202 8.81 -14.49 5.29
CA LYS A 202 10.24 -14.43 5.49
C LYS A 202 10.80 -15.85 5.42
N ARG A 203 12.09 -15.96 5.13
CA ARG A 203 12.75 -17.26 5.00
C ARG A 203 12.50 -18.18 6.19
N GLY A 204 12.24 -19.45 5.90
CA GLY A 204 12.01 -20.42 6.95
C GLY A 204 10.56 -20.85 7.09
N VAL A 205 9.65 -20.13 6.45
CA VAL A 205 8.22 -20.44 6.51
C VAL A 205 7.75 -21.23 5.28
N ASN A 206 6.89 -22.21 5.50
CA ASN A 206 6.36 -23.02 4.41
C ASN A 206 4.83 -23.04 4.42
N GLU A 207 4.23 -23.22 3.24
CA GLU A 207 2.78 -23.26 3.10
C GLU A 207 2.09 -24.30 3.98
N LYS A 208 2.84 -25.33 4.36
CA LYS A 208 2.28 -26.39 5.19
C LYS A 208 1.85 -25.90 6.57
N LEU A 210 1.35 -22.84 7.49
CA LEU A 210 0.39 -21.74 7.35
C LEU A 210 -1.07 -22.15 7.34
N GLY A 211 -1.41 -23.15 6.53
CA GLY A 211 -2.79 -23.61 6.42
C GLY A 211 -3.36 -24.18 7.71
N GLN A 212 -2.73 -23.89 8.84
CA GLN A 212 -3.20 -24.39 10.13
C GLN A 212 -3.28 -23.25 11.14
N LEU A 213 -2.87 -22.07 10.70
CA LEU A 213 -2.86 -20.89 11.57
C LEU A 213 -3.97 -19.90 11.24
N SER A 214 -4.47 -19.22 12.27
CA SER A 214 -5.50 -18.21 12.08
C SER A 214 -4.83 -17.06 11.33
N THR A 215 -5.63 -16.18 10.73
CA THR A 215 -5.08 -15.07 9.97
C THR A 215 -4.04 -14.20 10.69
N ASP A 216 -4.29 -13.88 11.95
CA ASP A 216 -3.35 -13.05 12.70
C ASP A 216 -1.97 -13.71 12.84
N LEU A 217 -1.93 -15.03 12.96
CA LEU A 217 -0.64 -15.70 13.08
C LEU A 217 0.05 -15.80 11.73
N GLN A 218 -0.73 -15.86 10.66
CA GLN A 218 -0.14 -15.91 9.33
C GLN A 218 0.53 -14.55 9.12
N GLN A 219 -0.17 -13.49 9.53
CA GLN A 219 0.37 -12.13 9.40
C GLN A 219 1.63 -11.97 10.25
N SER A 220 1.68 -12.64 11.39
CA SER A 220 2.83 -12.54 12.29
C SER A 220 4.13 -13.07 11.66
N LEU A 221 4.00 -14.04 10.77
CA LEU A 221 5.17 -14.64 10.12
C LEU A 221 5.62 -13.95 8.84
N THR A 222 5.00 -12.82 8.50
CA THR A 222 5.33 -12.13 7.25
C THR A 222 6.32 -10.99 7.27
N PHE A 223 6.84 -10.66 6.08
CA PHE A 223 7.70 -9.51 5.94
C PHE A 223 6.64 -8.42 5.77
N LEU A 224 5.57 -8.76 5.04
CA LEU A 224 4.46 -7.83 4.85
C LEU A 224 3.19 -8.58 4.48
N TRP A 225 2.05 -7.99 4.79
CA TRP A 225 0.76 -8.58 4.49
C TRP A 225 0.07 -7.62 3.53
N VAL A 226 -0.50 -8.17 2.46
CA VAL A 226 -1.19 -7.35 1.47
C VAL A 226 -2.69 -7.53 1.62
N PHE A 227 -3.37 -6.46 2.01
CA PHE A 227 -4.82 -6.48 2.19
C PHE A 227 -5.54 -6.04 0.92
N LEU A 229 -8.98 -4.38 0.19
CA LEU A 229 -10.12 -3.74 0.83
C LEU A 229 -11.05 -3.14 -0.20
N LYS A 230 -12.25 -2.80 0.23
CA LYS A 230 -13.24 -2.18 -0.63
C LYS A 230 -13.88 -1.04 0.17
N ARG A 231 -13.98 0.15 -0.41
CA ARG A 231 -14.62 1.24 0.31
C ARG A 231 -16.12 0.95 0.34
N HIS A 232 -16.70 0.89 1.53
CA HIS A 232 -18.13 0.63 1.66
C HIS A 232 -18.98 1.60 0.86
N LYS A 233 -20.02 1.07 0.22
CA LYS A 233 -20.95 1.87 -0.58
C LYS A 233 -21.96 2.57 0.32
#